data_8RNG
#
_entry.id   8RNG
#
_cell.length_a   50.647
_cell.length_b   81.144
_cell.length_c   110.176
_cell.angle_alpha   90.000
_cell.angle_beta   90.000
_cell.angle_gamma   90.000
#
_symmetry.space_group_name_H-M   'P 21 21 21'
#
loop_
_entity.id
_entity.type
_entity.pdbx_description
1 polymer 'MHC class I antigen'
2 polymer 'Matrix protein 1'
3 polymer Beta-2-microglobulin
4 non-polymer 1,2-ETHANEDIOL
5 non-polymer 'MAGNESIUM ION'
6 water water
#
loop_
_entity_poly.entity_id
_entity_poly.type
_entity_poly.pdbx_seq_one_letter_code
_entity_poly.pdbx_strand_id
1 'polypeptide(L)'
;GSHSMRYFHTSVSRPGRGEPRFISVGYVDGTQFVRFDSDAASPRTEPRAPWIEQEGPEYWDRNTQISKTNTQTYRESLRN
LRGYYNQSEAGSHTLQRMYGCDVGPDGRLLRGHDQSAYDGKDYIALNEDLSSWTAADTAAQITQRKWEAARVAEQLRAYL
EGTCVEWLRRHLENGKETLQRADPPKTHVTHHPISDHEATLRCWALGFYPAEITLTWQRDGEDQTQDTELVETRPAGDRT
FQKWAAVVVPSGEEQRYTCHVQHEGLPKPLTLRWEP
;
A
2 'polypeptide(L)' TEVETYVL C
3 'polypeptide(L)'
;MIQRTPKIQVYSRHPAENGKSNFLNCYVSGFHPSDIEVDLLKNGERIEKVEHSDLSFSKDWSFYLLYYTEFTPTEKDEYA
CRVNHVTLSQPKIVKWDRDM
;
B
#
loop_
_chem_comp.id
_chem_comp.type
_chem_comp.name
_chem_comp.formula
EDO non-polymer 1,2-ETHANEDIOL 'C2 H6 O2'
MG non-polymer 'MAGNESIUM ION' 'Mg 2'
#
# COMPACT_ATOMS: atom_id res chain seq x y z
N GLY A 1 -5.12 -15.17 11.65
CA GLY A 1 -5.96 -15.91 10.72
C GLY A 1 -5.20 -16.40 9.50
N SER A 2 -5.60 -15.92 8.33
CA SER A 2 -4.87 -16.26 7.13
CA SER A 2 -4.90 -16.23 7.09
C SER A 2 -3.81 -15.19 6.91
N HIS A 3 -2.75 -15.57 6.16
CA HIS A 3 -1.61 -14.67 5.99
C HIS A 3 -1.08 -14.72 4.58
N SER A 4 -0.38 -13.66 4.20
CA SER A 4 0.20 -13.55 2.86
CA SER A 4 0.18 -13.54 2.86
C SER A 4 1.62 -13.04 2.91
N MET A 5 2.44 -13.51 1.96
CA MET A 5 3.72 -12.86 1.68
C MET A 5 3.61 -12.30 0.28
N ARG A 6 3.98 -11.05 0.10
CA ARG A 6 3.88 -10.42 -1.21
C ARG A 6 5.10 -9.56 -1.46
N TYR A 7 5.58 -9.61 -2.68
CA TYR A 7 6.60 -8.69 -3.15
C TYR A 7 5.99 -7.77 -4.20
N PHE A 8 6.35 -6.49 -4.11
CA PHE A 8 5.84 -5.42 -4.97
C PHE A 8 7.02 -4.81 -5.69
N HIS A 9 7.06 -4.98 -7.01
CA HIS A 9 8.18 -4.54 -7.83
C HIS A 9 7.72 -3.40 -8.70
N THR A 10 8.47 -2.29 -8.70
CA THR A 10 8.21 -1.15 -9.59
C THR A 10 9.47 -0.80 -10.35
N SER A 11 9.36 -0.69 -11.66
CA SER A 11 10.46 -0.22 -12.49
C SER A 11 9.93 0.91 -13.34
N VAL A 12 10.70 1.99 -13.42
CA VAL A 12 10.24 3.22 -14.06
C VAL A 12 11.33 3.75 -14.97
N SER A 13 11.06 3.81 -16.26
CA SER A 13 12.08 4.37 -17.16
C SER A 13 12.05 5.88 -17.08
N ARG A 14 13.16 6.46 -17.49
CA ARG A 14 13.38 7.90 -17.35
C ARG A 14 14.40 8.31 -18.42
N PRO A 15 14.00 8.29 -19.70
CA PRO A 15 14.94 8.59 -20.78
C PRO A 15 15.66 9.91 -20.54
N GLY A 16 16.97 9.86 -20.68
CA GLY A 16 17.80 11.05 -20.50
C GLY A 16 18.28 11.22 -19.09
N ARG A 17 17.82 10.37 -18.19
CA ARG A 17 18.13 10.46 -16.76
C ARG A 17 18.61 9.13 -16.25
N GLY A 18 19.40 8.42 -17.06
CA GLY A 18 19.94 7.13 -16.65
C GLY A 18 18.98 6.01 -16.93
N GLU A 19 19.31 4.87 -16.34
CA GLU A 19 18.58 3.64 -16.55
C GLU A 19 17.39 3.57 -15.62
N PRO A 20 16.40 2.74 -15.96
CA PRO A 20 15.18 2.68 -15.14
C PRO A 20 15.47 2.26 -13.69
N ARG A 21 14.88 2.98 -12.74
CA ARG A 21 15.00 2.58 -11.34
C ARG A 21 14.16 1.32 -11.09
N PHE A 22 14.69 0.39 -10.29
CA PHE A 22 13.92 -0.77 -9.84
C PHE A 22 13.90 -0.76 -8.34
N ILE A 23 12.69 -0.89 -7.77
CA ILE A 23 12.52 -1.04 -6.33
C ILE A 23 11.65 -2.27 -6.06
N SER A 24 12.08 -3.12 -5.13
CA SER A 24 11.29 -4.23 -4.63
C SER A 24 11.05 -3.99 -3.16
N VAL A 25 9.80 -4.15 -2.70
CA VAL A 25 9.48 -4.18 -1.29
C VAL A 25 8.76 -5.48 -0.99
N GLY A 26 9.06 -6.11 0.15
CA GLY A 26 8.43 -7.35 0.58
C GLY A 26 7.60 -7.09 1.82
N TYR A 27 6.42 -7.73 1.88
CA TYR A 27 5.49 -7.61 2.98
C TYR A 27 5.04 -8.99 3.45
N VAL A 28 4.79 -9.12 4.74
CA VAL A 28 3.96 -10.18 5.28
C VAL A 28 2.74 -9.47 5.81
N ASP A 29 1.60 -9.74 5.21
CA ASP A 29 0.37 -9.02 5.51
C ASP A 29 0.62 -7.52 5.39
N GLY A 30 0.32 -6.72 6.40
CA GLY A 30 0.53 -5.30 6.30
C GLY A 30 1.89 -4.82 6.73
N THR A 31 2.84 -5.73 7.00
CA THR A 31 4.13 -5.37 7.57
C THR A 31 5.21 -5.50 6.48
N GLN A 32 5.85 -4.38 6.16
CA GLN A 32 6.99 -4.42 5.26
C GLN A 32 8.17 -5.00 5.99
N PHE A 33 8.90 -5.90 5.36
CA PHE A 33 10.06 -6.47 6.02
C PHE A 33 11.37 -6.39 5.25
N VAL A 34 11.35 -6.11 3.95
CA VAL A 34 12.58 -5.91 3.17
C VAL A 34 12.34 -4.85 2.12
N ARG A 35 13.45 -4.24 1.65
CA ARG A 35 13.46 -3.39 0.48
C ARG A 35 14.76 -3.60 -0.27
N PHE A 36 14.69 -3.33 -1.57
CA PHE A 36 15.86 -3.26 -2.45
C PHE A 36 15.60 -2.12 -3.42
N ASP A 37 16.57 -1.23 -3.61
CA ASP A 37 16.41 -0.06 -4.49
C ASP A 37 17.67 0.14 -5.33
N SER A 38 17.56 0.03 -6.66
CA SER A 38 18.71 0.25 -7.52
C SER A 38 19.24 1.68 -7.43
N ASP A 39 18.46 2.63 -6.91
CA ASP A 39 18.93 4.00 -6.75
C ASP A 39 19.63 4.24 -5.41
N ALA A 40 19.67 3.26 -4.53
CA ALA A 40 20.47 3.40 -3.32
C ALA A 40 21.94 3.49 -3.69
N ALA A 41 22.71 4.17 -2.84
CA ALA A 41 24.13 4.30 -3.13
C ALA A 41 24.81 2.94 -3.26
N SER A 42 24.41 1.98 -2.42
CA SER A 42 24.90 0.61 -2.50
CA SER A 42 24.90 0.61 -2.49
C SER A 42 23.70 -0.33 -2.48
N PRO A 43 23.13 -0.65 -3.64
CA PRO A 43 21.90 -1.45 -3.64
C PRO A 43 22.10 -2.78 -2.94
N ARG A 44 21.17 -3.08 -2.04
CA ARG A 44 21.28 -4.31 -1.26
C ARG A 44 19.88 -4.58 -0.73
N THR A 45 19.52 -5.85 -0.61
CA THR A 45 18.30 -6.16 0.13
C THR A 45 18.54 -5.86 1.59
N GLU A 46 17.69 -5.04 2.18
CA GLU A 46 17.91 -4.47 3.51
C GLU A 46 16.71 -4.83 4.37
N PRO A 47 16.93 -5.13 5.64
CA PRO A 47 15.82 -5.40 6.56
C PRO A 47 15.03 -4.14 6.88
N ARG A 48 13.69 -4.32 6.99
CA ARG A 48 12.76 -3.25 7.32
C ARG A 48 11.83 -3.60 8.49
N ALA A 49 12.00 -4.75 9.11
CA ALA A 49 11.26 -5.13 10.32
C ALA A 49 12.23 -5.86 11.23
N PRO A 50 12.06 -5.76 12.54
CA PRO A 50 13.10 -6.32 13.43
C PRO A 50 13.25 -7.83 13.32
N TRP A 51 12.16 -8.56 13.08
CA TRP A 51 12.23 -9.99 13.15
C TRP A 51 13.00 -10.61 11.99
N ILE A 52 13.18 -9.87 10.88
CA ILE A 52 13.94 -10.45 9.78
C ILE A 52 15.44 -10.28 9.99
N GLU A 53 15.85 -9.47 10.97
CA GLU A 53 17.28 -9.17 11.14
C GLU A 53 18.08 -10.40 11.50
N GLN A 54 17.46 -11.38 12.15
CA GLN A 54 18.19 -12.61 12.50
C GLN A 54 18.59 -13.45 11.32
N GLU A 55 18.04 -13.23 10.12
CA GLU A 55 18.48 -14.04 8.98
C GLU A 55 19.96 -13.77 8.75
N GLY A 56 20.67 -14.85 8.38
CA GLY A 56 22.10 -14.82 8.21
C GLY A 56 22.51 -14.24 6.89
N PRO A 57 23.83 -14.15 6.69
CA PRO A 57 24.36 -13.51 5.49
C PRO A 57 23.89 -14.16 4.20
N GLU A 58 23.66 -15.47 4.20
CA GLU A 58 23.23 -16.15 2.98
C GLU A 58 21.92 -15.58 2.48
N TYR A 59 21.02 -15.20 3.38
CA TYR A 59 19.73 -14.67 2.96
C TYR A 59 19.91 -13.30 2.31
N TRP A 60 20.70 -12.43 2.94
CA TRP A 60 20.93 -11.11 2.39
C TRP A 60 21.67 -11.19 1.07
N ASP A 61 22.69 -12.05 0.99
CA ASP A 61 23.43 -12.19 -0.26
C ASP A 61 22.56 -12.75 -1.37
N ARG A 62 21.80 -13.82 -1.10
CA ARG A 62 21.02 -14.42 -2.17
C ARG A 62 19.92 -13.46 -2.65
N ASN A 63 19.23 -12.80 -1.72
CA ASN A 63 18.19 -11.86 -2.14
C ASN A 63 18.76 -10.64 -2.85
N THR A 64 19.94 -10.16 -2.47
CA THR A 64 20.55 -9.07 -3.21
C THR A 64 20.90 -9.52 -4.63
N GLN A 65 21.45 -10.72 -4.78
CA GLN A 65 21.77 -11.17 -6.14
C GLN A 65 20.51 -11.29 -6.99
N ILE A 66 19.47 -11.91 -6.44
CA ILE A 66 18.21 -12.04 -7.19
C ILE A 66 17.71 -10.68 -7.63
N SER A 67 17.80 -9.68 -6.74
CA SER A 67 17.26 -8.35 -7.03
C SER A 67 18.12 -7.64 -8.04
N LYS A 68 19.45 -7.84 -7.97
CA LYS A 68 20.29 -7.24 -8.99
C LYS A 68 20.04 -7.86 -10.36
N THR A 69 19.82 -9.17 -10.40
CA THR A 69 19.45 -9.78 -11.67
C THR A 69 18.09 -9.25 -12.13
N ASN A 70 17.15 -9.11 -11.20
CA ASN A 70 15.83 -8.61 -11.56
C ASN A 70 15.92 -7.17 -12.10
N THR A 71 16.82 -6.33 -11.56
CA THR A 71 16.95 -4.98 -12.12
C THR A 71 17.19 -5.05 -13.61
N GLN A 72 18.12 -5.90 -14.01
CA GLN A 72 18.44 -6.04 -15.44
C GLN A 72 17.29 -6.62 -16.24
N THR A 73 16.58 -7.60 -15.68
CA THR A 73 15.47 -8.21 -16.40
C THR A 73 14.36 -7.21 -16.61
N TYR A 74 14.06 -6.40 -15.60
CA TYR A 74 13.02 -5.42 -15.78
C TYR A 74 13.41 -4.36 -16.79
N ARG A 75 14.70 -3.99 -16.85
CA ARG A 75 15.10 -3.00 -17.85
C ARG A 75 14.99 -3.58 -19.26
N GLU A 76 15.32 -4.87 -19.43
CA GLU A 76 15.08 -5.52 -20.72
C GLU A 76 13.59 -5.59 -21.04
N SER A 77 12.79 -5.93 -20.03
CA SER A 77 11.34 -5.95 -20.24
C SER A 77 10.81 -4.60 -20.68
N LEU A 78 11.25 -3.50 -20.04
CA LEU A 78 10.78 -2.17 -20.45
C LEU A 78 11.19 -1.84 -21.88
N ARG A 79 12.40 -2.21 -22.31
CA ARG A 79 12.75 -2.04 -23.73
C ARG A 79 11.82 -2.84 -24.62
N ASN A 80 11.54 -4.09 -24.23
CA ASN A 80 10.66 -4.90 -25.07
C ASN A 80 9.27 -4.30 -25.14
N LEU A 81 8.70 -3.87 -23.99
CA LEU A 81 7.36 -3.30 -23.95
C LEU A 81 7.25 -2.05 -24.81
N ARG A 82 8.26 -1.17 -24.79
CA ARG A 82 8.17 0.02 -25.63
C ARG A 82 8.01 -0.39 -27.09
N GLY A 83 8.68 -1.47 -27.50
CA GLY A 83 8.54 -2.00 -28.86
C GLY A 83 7.19 -2.63 -29.10
N TYR A 84 6.69 -3.41 -28.13
CA TYR A 84 5.42 -4.08 -28.34
C TYR A 84 4.27 -3.11 -28.51
N TYR A 85 4.38 -1.91 -27.95
CA TYR A 85 3.36 -0.88 -28.07
C TYR A 85 3.72 0.22 -29.06
N ASN A 86 4.79 0.02 -29.80
CA ASN A 86 5.19 0.98 -30.84
C ASN A 86 5.35 2.39 -30.28
N GLN A 87 5.93 2.47 -29.09
CA GLN A 87 6.02 3.75 -28.43
C GLN A 87 7.35 4.43 -28.74
N SER A 88 7.31 5.75 -28.59
CA SER A 88 8.49 6.58 -28.79
C SER A 88 9.59 6.28 -27.76
N GLU A 89 10.82 6.68 -28.07
CA GLU A 89 11.87 6.56 -27.07
C GLU A 89 11.83 7.71 -26.07
N ALA A 90 10.96 8.69 -26.31
CA ALA A 90 10.95 9.91 -25.50
C ALA A 90 10.22 9.74 -24.17
N GLY A 91 9.19 8.86 -24.08
CA GLY A 91 8.38 8.83 -22.89
C GLY A 91 8.91 7.92 -21.78
N SER A 92 8.48 8.23 -20.58
CA SER A 92 8.72 7.38 -19.42
CA SER A 92 8.73 7.36 -19.44
CA SER A 92 8.71 7.40 -19.39
C SER A 92 7.57 6.39 -19.27
N HIS A 93 7.90 5.18 -18.85
CA HIS A 93 6.90 4.13 -18.68
C HIS A 93 7.18 3.37 -17.40
N THR A 94 6.16 2.64 -16.93
CA THR A 94 6.23 1.95 -15.63
C THR A 94 5.87 0.49 -15.82
N LEU A 95 6.67 -0.41 -15.23
CA LEU A 95 6.33 -1.84 -15.21
C LEU A 95 6.25 -2.23 -13.74
N GLN A 96 5.10 -2.75 -13.32
CA GLN A 96 4.91 -3.23 -11.97
C GLN A 96 4.63 -4.71 -11.97
N ARG A 97 5.04 -5.39 -10.91
CA ARG A 97 4.72 -6.80 -10.75
CA ARG A 97 4.80 -6.82 -10.74
C ARG A 97 4.49 -7.04 -9.28
N MET A 98 3.49 -7.86 -8.99
CA MET A 98 3.26 -8.34 -7.65
C MET A 98 3.28 -9.86 -7.68
N TYR A 99 3.87 -10.48 -6.68
CA TYR A 99 3.78 -11.94 -6.61
C TYR A 99 3.87 -12.39 -5.17
N GLY A 100 3.40 -13.61 -4.92
CA GLY A 100 3.53 -14.19 -3.61
C GLY A 100 2.46 -15.21 -3.34
N CYS A 101 2.27 -15.52 -2.06
CA CYS A 101 1.45 -16.67 -1.67
C CYS A 101 0.64 -16.34 -0.43
N ASP A 102 -0.50 -17.00 -0.30
CA ASP A 102 -1.39 -16.86 0.83
C ASP A 102 -1.54 -18.23 1.47
N VAL A 103 -1.54 -18.25 2.82
CA VAL A 103 -1.80 -19.48 3.55
C VAL A 103 -2.94 -19.25 4.50
N GLY A 104 -3.61 -20.36 4.86
CA GLY A 104 -4.72 -20.32 5.80
C GLY A 104 -4.23 -20.44 7.22
N PRO A 105 -5.17 -20.51 8.18
CA PRO A 105 -4.79 -20.56 9.59
C PRO A 105 -3.91 -21.75 9.97
N ASP A 106 -3.92 -22.82 9.18
CA ASP A 106 -3.08 -23.97 9.43
C ASP A 106 -1.81 -23.97 8.60
N GLY A 107 -1.49 -22.88 7.90
CA GLY A 107 -0.27 -22.83 7.14
C GLY A 107 -0.31 -23.44 5.75
N ARG A 108 -1.48 -23.91 5.32
CA ARG A 108 -1.55 -24.57 4.03
C ARG A 108 -1.76 -23.53 2.94
N LEU A 109 -1.19 -23.79 1.77
CA LEU A 109 -1.35 -22.89 0.63
C LEU A 109 -2.82 -22.66 0.33
N LEU A 110 -3.20 -21.41 0.28
CA LEU A 110 -4.53 -21.05 -0.19
C LEU A 110 -4.47 -20.74 -1.67
N ARG A 111 -3.52 -19.89 -2.06
CA ARG A 111 -3.30 -19.64 -3.49
C ARG A 111 -2.02 -18.83 -3.70
N GLY A 112 -1.54 -18.84 -4.93
CA GLY A 112 -0.40 -18.07 -5.38
C GLY A 112 -0.78 -16.97 -6.35
N HIS A 113 0.15 -16.02 -6.54
CA HIS A 113 -0.09 -14.86 -7.38
C HIS A 113 1.17 -14.52 -8.13
N ASP A 114 1.03 -14.10 -9.39
CA ASP A 114 2.12 -13.47 -10.13
C ASP A 114 1.50 -12.66 -11.25
N GLN A 115 1.49 -11.33 -11.08
N GLN A 115 1.55 -11.34 -11.17
CA GLN A 115 0.76 -10.43 -11.97
CA GLN A 115 0.83 -10.58 -12.18
C GLN A 115 1.68 -9.27 -12.37
C GLN A 115 1.48 -9.23 -12.34
N SER A 116 1.43 -8.72 -13.57
CA SER A 116 2.20 -7.59 -14.05
CA SER A 116 2.17 -7.53 -13.93
C SER A 116 1.26 -6.56 -14.66
N ALA A 117 1.68 -5.29 -14.60
CA ALA A 117 0.99 -4.16 -15.20
C ALA A 117 1.97 -3.24 -15.90
N TYR A 118 1.55 -2.65 -16.99
CA TYR A 118 2.33 -1.71 -17.77
C TYR A 118 1.56 -0.42 -17.83
N ASP A 119 2.23 0.66 -17.44
CA ASP A 119 1.61 1.99 -17.36
C ASP A 119 0.31 1.96 -16.58
N GLY A 120 0.30 1.17 -15.51
CA GLY A 120 -0.83 1.13 -14.60
C GLY A 120 -1.99 0.25 -15.06
N LYS A 121 -1.85 -0.46 -16.19
CA LYS A 121 -2.92 -1.28 -16.75
C LYS A 121 -2.46 -2.73 -16.70
N ASP A 122 -3.37 -3.62 -16.34
CA ASP A 122 -3.03 -5.04 -16.30
C ASP A 122 -2.47 -5.51 -17.63
N TYR A 123 -1.37 -6.28 -17.56
CA TYR A 123 -0.67 -6.75 -18.75
C TYR A 123 -0.74 -8.27 -18.84
N ILE A 124 -0.24 -9.01 -17.87
CA ILE A 124 -0.36 -10.47 -17.90
C ILE A 124 -0.42 -10.96 -16.48
N ALA A 125 -1.14 -12.05 -16.25
CA ALA A 125 -1.23 -12.62 -14.91
C ALA A 125 -1.18 -14.12 -15.00
N LEU A 126 -0.52 -14.74 -14.03
CA LEU A 126 -0.63 -16.19 -13.82
C LEU A 126 -2.00 -16.49 -13.26
N ASN A 127 -2.69 -17.44 -13.89
CA ASN A 127 -4.02 -17.80 -13.41
C ASN A 127 -3.90 -18.55 -12.07
N GLU A 128 -5.02 -18.65 -11.36
CA GLU A 128 -5.01 -19.29 -10.03
C GLU A 128 -4.58 -20.76 -10.10
N ASP A 129 -4.70 -21.39 -11.28
CA ASP A 129 -4.20 -22.74 -11.43
C ASP A 129 -2.69 -22.84 -11.40
N LEU A 130 -1.97 -21.71 -11.49
CA LEU A 130 -0.51 -21.70 -11.49
C LEU A 130 0.05 -22.45 -12.69
N SER A 131 -0.72 -22.51 -13.79
CA SER A 131 -0.34 -23.32 -14.92
CA SER A 131 -0.33 -23.33 -14.92
C SER A 131 -0.61 -22.65 -16.26
N SER A 132 -1.37 -21.57 -16.29
CA SER A 132 -1.74 -20.89 -17.52
C SER A 132 -1.77 -19.38 -17.26
N TRP A 133 -1.80 -18.60 -18.33
CA TRP A 133 -1.73 -17.15 -18.25
C TRP A 133 -2.97 -16.51 -18.83
N THR A 134 -3.23 -15.31 -18.38
N THR A 134 -3.32 -15.36 -18.29
CA THR A 134 -4.23 -14.42 -18.98
CA THR A 134 -4.20 -14.41 -18.94
C THR A 134 -3.52 -13.14 -19.44
C THR A 134 -3.34 -13.27 -19.48
N ALA A 135 -3.50 -12.95 -20.75
CA ALA A 135 -2.85 -11.81 -21.38
C ALA A 135 -3.91 -10.77 -21.71
N ALA A 136 -3.60 -9.50 -21.45
CA ALA A 136 -4.61 -8.44 -21.60
C ALA A 136 -4.81 -8.01 -23.04
N ASP A 137 -3.84 -8.23 -23.92
CA ASP A 137 -3.89 -7.68 -25.26
C ASP A 137 -2.89 -8.42 -26.14
N THR A 138 -2.77 -7.98 -27.40
CA THR A 138 -1.90 -8.71 -28.30
C THR A 138 -0.41 -8.53 -27.99
N ALA A 139 -0.03 -7.45 -27.30
CA ALA A 139 1.34 -7.34 -26.83
C ALA A 139 1.61 -8.38 -25.74
N ALA A 140 0.69 -8.50 -24.76
CA ALA A 140 0.93 -9.49 -23.72
C ALA A 140 0.87 -10.91 -24.26
N GLN A 141 0.16 -11.13 -25.37
CA GLN A 141 0.18 -12.45 -26.01
C GLN A 141 1.58 -12.82 -26.51
N ILE A 142 2.40 -11.83 -26.87
CA ILE A 142 3.78 -12.14 -27.22
C ILE A 142 4.51 -12.68 -26.01
N THR A 143 4.40 -11.99 -24.87
CA THR A 143 4.99 -12.47 -23.63
C THR A 143 4.44 -13.84 -23.25
N GLN A 144 3.14 -14.03 -23.39
CA GLN A 144 2.56 -15.33 -23.05
CA GLN A 144 2.55 -15.33 -23.07
C GLN A 144 3.17 -16.44 -23.91
N ARG A 145 3.31 -16.19 -25.23
CA ARG A 145 3.92 -17.22 -26.07
C ARG A 145 5.33 -17.52 -25.66
N LYS A 146 6.10 -16.49 -25.29
CA LYS A 146 7.46 -16.74 -24.87
C LYS A 146 7.47 -17.54 -23.57
N TRP A 147 6.62 -17.19 -22.62
CA TRP A 147 6.61 -17.88 -21.34
C TRP A 147 6.09 -19.31 -21.46
N GLU A 148 5.15 -19.54 -22.38
CA GLU A 148 4.71 -20.92 -22.67
C GLU A 148 5.86 -21.73 -23.24
N ALA A 149 6.61 -21.13 -24.17
CA ALA A 149 7.70 -21.90 -24.76
C ALA A 149 8.75 -22.28 -23.74
N ALA A 150 9.00 -21.43 -22.75
CA ALA A 150 10.02 -21.64 -21.75
C ALA A 150 9.49 -22.30 -20.48
N ARG A 151 8.20 -22.67 -20.44
CA ARG A 151 7.60 -23.35 -19.27
C ARG A 151 7.80 -22.52 -17.98
N VAL A 152 7.57 -21.22 -18.10
CA VAL A 152 7.73 -20.33 -16.96
C VAL A 152 6.70 -20.62 -15.88
N ALA A 153 5.45 -20.90 -16.25
CA ALA A 153 4.45 -21.15 -15.23
C ALA A 153 4.87 -22.28 -14.31
N GLU A 154 5.52 -23.31 -14.86
CA GLU A 154 5.93 -24.45 -14.03
C GLU A 154 7.00 -24.05 -13.05
N GLN A 155 7.89 -23.14 -13.46
CA GLN A 155 8.89 -22.65 -12.54
C GLN A 155 8.25 -21.80 -11.45
N LEU A 156 7.29 -20.95 -11.81
CA LEU A 156 6.65 -20.14 -10.79
C LEU A 156 5.81 -20.97 -9.86
N ARG A 157 5.13 -21.99 -10.38
CA ARG A 157 4.35 -22.83 -9.47
C ARG A 157 5.26 -23.50 -8.46
N ALA A 158 6.42 -23.98 -8.89
CA ALA A 158 7.34 -24.61 -7.95
C ALA A 158 7.79 -23.62 -6.88
N TYR A 159 8.09 -22.39 -7.29
CA TYR A 159 8.45 -21.39 -6.30
C TYR A 159 7.29 -21.09 -5.34
N LEU A 160 6.11 -20.83 -5.89
CA LEU A 160 4.99 -20.39 -5.06
C LEU A 160 4.57 -21.47 -4.07
N GLU A 161 4.57 -22.72 -4.49
CA GLU A 161 4.11 -23.78 -3.60
C GLU A 161 5.23 -24.27 -2.68
N GLY A 162 6.47 -23.97 -3.00
CA GLY A 162 7.64 -24.41 -2.25
C GLY A 162 8.26 -23.28 -1.44
N THR A 163 9.30 -22.67 -1.99
CA THR A 163 10.00 -21.56 -1.36
C THR A 163 9.07 -20.53 -0.74
N CYS A 164 8.06 -20.07 -1.47
CA CYS A 164 7.26 -18.95 -0.99
C CYS A 164 6.55 -19.32 0.30
N VAL A 165 5.83 -20.45 0.30
CA VAL A 165 5.09 -20.80 1.50
CA VAL A 165 5.09 -20.86 1.48
C VAL A 165 6.03 -21.20 2.63
N GLU A 166 7.17 -21.85 2.33
CA GLU A 166 8.08 -22.18 3.42
C GLU A 166 8.63 -20.92 4.10
N TRP A 167 8.97 -19.91 3.31
CA TRP A 167 9.48 -18.69 3.91
C TRP A 167 8.39 -17.94 4.64
N LEU A 168 7.17 -17.88 4.10
CA LEU A 168 6.08 -17.23 4.83
C LEU A 168 5.89 -17.88 6.18
N ARG A 169 5.89 -19.22 6.21
CA ARG A 169 5.72 -19.88 7.50
C ARG A 169 6.88 -19.58 8.42
N ARG A 170 8.11 -19.55 7.90
CA ARG A 170 9.25 -19.17 8.75
C ARG A 170 9.13 -17.74 9.29
N HIS A 171 8.75 -16.79 8.43
CA HIS A 171 8.58 -15.41 8.92
C HIS A 171 7.49 -15.32 9.97
N LEU A 172 6.38 -16.05 9.78
CA LEU A 172 5.29 -16.01 10.75
C LEU A 172 5.73 -16.52 12.09
N GLU A 173 6.59 -17.52 12.11
CA GLU A 173 7.10 -18.00 13.40
C GLU A 173 8.09 -17.01 14.01
N ASN A 174 9.04 -16.51 13.20
CA ASN A 174 10.02 -15.55 13.73
C ASN A 174 9.38 -14.26 14.20
N GLY A 175 8.34 -13.81 13.52
CA GLY A 175 7.67 -12.59 13.91
C GLY A 175 6.34 -12.85 14.59
N LYS A 176 6.19 -13.97 15.31
CA LYS A 176 4.87 -14.36 15.82
CA LYS A 176 4.86 -14.34 15.80
C LYS A 176 4.27 -13.31 16.74
N GLU A 177 5.09 -12.61 17.52
CA GLU A 177 4.52 -11.67 18.47
C GLU A 177 3.87 -10.47 17.83
N THR A 178 4.20 -10.13 16.57
CA THR A 178 3.59 -9.02 15.87
C THR A 178 2.77 -9.50 14.69
N LEU A 179 3.33 -10.39 13.87
CA LEU A 179 2.61 -10.82 12.69
C LEU A 179 1.37 -11.63 13.03
N GLN A 180 1.37 -12.33 14.16
CA GLN A 180 0.23 -13.13 14.56
C GLN A 180 -0.53 -12.51 15.70
N ARG A 181 -0.40 -11.19 15.85
CA ARG A 181 -1.14 -10.43 16.85
C ARG A 181 -2.06 -9.47 16.12
N ALA A 182 -3.35 -9.56 16.34
CA ALA A 182 -4.30 -8.58 15.80
C ALA A 182 -4.58 -7.55 16.89
N ASP A 183 -4.38 -6.28 16.58
CA ASP A 183 -4.62 -5.20 17.52
C ASP A 183 -5.98 -4.60 17.18
N PRO A 184 -6.92 -4.60 18.12
CA PRO A 184 -8.24 -4.12 17.82
C PRO A 184 -8.23 -2.62 17.64
N PRO A 185 -9.22 -2.08 16.92
CA PRO A 185 -9.35 -0.63 16.86
C PRO A 185 -9.80 -0.07 18.21
N LYS A 186 -9.29 1.09 18.54
CA LYS A 186 -9.85 1.94 19.58
C LYS A 186 -10.86 2.84 18.89
N THR A 187 -12.09 2.84 19.38
CA THR A 187 -13.23 3.41 18.66
C THR A 187 -13.91 4.50 19.47
N HIS A 188 -14.39 5.53 18.77
CA HIS A 188 -15.16 6.58 19.43
C HIS A 188 -15.86 7.37 18.34
N VAL A 189 -16.91 8.08 18.75
CA VAL A 189 -17.74 8.89 17.88
C VAL A 189 -17.58 10.34 18.28
N THR A 190 -17.31 11.20 17.30
CA THR A 190 -17.25 12.63 17.53
C THR A 190 -18.40 13.31 16.81
N HIS A 191 -18.74 14.52 17.25
CA HIS A 191 -19.89 15.26 16.75
C HIS A 191 -19.43 16.67 16.41
N HIS A 192 -19.76 17.11 15.19
CA HIS A 192 -19.29 18.39 14.66
C HIS A 192 -20.46 19.14 14.04
N PRO A 193 -21.06 20.09 14.76
CA PRO A 193 -22.15 20.89 14.18
C PRO A 193 -21.71 21.54 12.88
N ILE A 194 -22.58 21.52 11.89
CA ILE A 194 -22.31 22.20 10.62
C ILE A 194 -23.05 23.52 10.55
N SER A 195 -24.27 23.51 11.01
CA SER A 195 -25.20 24.61 10.92
C SER A 195 -26.23 24.36 12.00
N ASP A 196 -27.23 25.21 12.07
CA ASP A 196 -28.32 24.96 13.00
C ASP A 196 -29.09 23.69 12.64
N HIS A 197 -28.95 23.21 11.40
CA HIS A 197 -29.83 22.19 10.88
C HIS A 197 -29.20 20.83 10.86
N GLU A 198 -27.87 20.74 10.93
CA GLU A 198 -27.20 19.46 10.67
C GLU A 198 -25.88 19.43 11.42
N ALA A 199 -25.40 18.20 11.67
CA ALA A 199 -24.09 17.99 12.27
C ALA A 199 -23.49 16.75 11.66
N THR A 200 -22.15 16.66 11.71
CA THR A 200 -21.44 15.47 11.27
C THR A 200 -21.21 14.57 12.47
N LEU A 201 -21.53 13.30 12.33
CA LEU A 201 -21.07 12.29 13.26
C LEU A 201 -19.93 11.54 12.57
N ARG A 202 -18.81 11.44 13.26
CA ARG A 202 -17.66 10.77 12.69
C ARG A 202 -17.30 9.61 13.61
N CYS A 203 -17.25 8.42 13.05
CA CYS A 203 -16.89 7.22 13.78
C CYS A 203 -15.43 6.88 13.48
N TRP A 204 -14.62 6.81 14.53
CA TRP A 204 -13.18 6.63 14.39
C TRP A 204 -12.77 5.23 14.78
N ALA A 205 -11.82 4.68 14.04
CA ALA A 205 -11.14 3.45 14.41
C ALA A 205 -9.65 3.73 14.34
N LEU A 206 -8.95 3.57 15.47
CA LEU A 206 -7.55 3.95 15.57
C LEU A 206 -6.74 2.80 16.13
N GLY A 207 -5.49 2.68 15.67
CA GLY A 207 -4.55 1.75 16.30
C GLY A 207 -4.74 0.29 15.96
N PHE A 208 -5.38 -0.05 14.84
CA PHE A 208 -5.69 -1.42 14.56
C PHE A 208 -4.68 -2.07 13.61
N TYR A 209 -4.57 -3.39 13.67
CA TYR A 209 -3.70 -4.13 12.76
C TYR A 209 -4.29 -5.52 12.69
N PRO A 210 -4.48 -6.13 11.53
CA PRO A 210 -4.10 -5.64 10.21
C PRO A 210 -5.11 -4.64 9.72
N ALA A 211 -4.91 -4.20 8.47
CA ALA A 211 -5.71 -3.07 8.01
C ALA A 211 -7.14 -3.44 7.65
N GLU A 212 -7.46 -4.69 7.35
CA GLU A 212 -8.84 -5.06 7.01
C GLU A 212 -9.77 -4.71 8.16
N ILE A 213 -10.88 -4.03 7.86
CA ILE A 213 -11.78 -3.57 8.91
C ILE A 213 -13.09 -3.29 8.21
N THR A 214 -14.21 -3.41 8.95
CA THR A 214 -15.51 -2.96 8.46
C THR A 214 -15.98 -1.85 9.38
N LEU A 215 -16.33 -0.71 8.80
CA LEU A 215 -16.72 0.47 9.55
C LEU A 215 -17.89 1.10 8.81
N THR A 216 -19.10 1.06 9.41
CA THR A 216 -20.27 1.54 8.69
C THR A 216 -21.17 2.31 9.65
N TRP A 217 -22.05 3.14 9.07
CA TRP A 217 -23.11 3.80 9.84
C TRP A 217 -24.45 3.22 9.41
N GLN A 218 -25.31 3.05 10.38
CA GLN A 218 -26.71 2.73 10.13
C GLN A 218 -27.61 3.84 10.67
N ARG A 219 -28.74 4.06 9.99
CA ARG A 219 -29.79 4.93 10.50
C ARG A 219 -31.02 4.06 10.68
N ASP A 220 -31.55 4.02 11.89
CA ASP A 220 -32.70 3.13 12.19
C ASP A 220 -32.39 1.71 11.70
N GLY A 221 -31.15 1.26 11.88
CA GLY A 221 -30.85 -0.10 11.49
C GLY A 221 -30.60 -0.35 10.01
N GLU A 222 -30.67 0.66 9.15
CA GLU A 222 -30.40 0.50 7.73
CA GLU A 222 -30.40 0.50 7.73
C GLU A 222 -29.04 1.09 7.39
N ASP A 223 -28.21 0.32 6.67
CA ASP A 223 -26.90 0.81 6.24
C ASP A 223 -27.01 2.09 5.40
N GLN A 224 -26.12 3.05 5.67
CA GLN A 224 -26.09 4.36 5.01
C GLN A 224 -24.93 4.49 4.01
N THR A 225 -24.78 3.53 3.11
CA THR A 225 -23.57 3.46 2.29
C THR A 225 -23.41 4.69 1.41
N GLN A 226 -24.47 5.09 0.71
CA GLN A 226 -24.36 6.21 -0.20
C GLN A 226 -24.18 7.54 0.53
N ASP A 227 -24.64 7.65 1.76
CA ASP A 227 -24.52 8.90 2.50
C ASP A 227 -23.32 8.95 3.43
N THR A 228 -22.54 7.89 3.50
CA THR A 228 -21.36 7.88 4.36
C THR A 228 -20.13 8.32 3.58
N GLU A 229 -19.33 9.20 4.17
CA GLU A 229 -17.98 9.48 3.69
C GLU A 229 -17.01 8.57 4.44
N LEU A 230 -16.36 7.69 3.70
CA LEU A 230 -15.47 6.68 4.28
CA LEU A 230 -15.46 6.69 4.28
C LEU A 230 -14.07 6.95 3.72
N VAL A 231 -13.15 7.39 4.58
CA VAL A 231 -11.79 7.62 4.10
C VAL A 231 -11.03 6.31 3.96
N GLU A 232 -10.07 6.32 3.06
CA GLU A 232 -9.20 5.16 2.89
CA GLU A 232 -9.22 5.15 2.91
C GLU A 232 -8.48 4.89 4.20
N THR A 233 -8.35 3.60 4.53
CA THR A 233 -7.55 3.18 5.68
C THR A 233 -6.12 3.67 5.46
N ARG A 234 -5.55 4.28 6.50
CA ARG A 234 -4.30 5.05 6.37
C ARG A 234 -3.31 4.57 7.43
N PRO A 235 -2.02 4.53 7.16
CA PRO A 235 -1.05 4.07 8.15
C PRO A 235 -0.72 5.10 9.19
N ALA A 236 -0.65 4.66 10.44
CA ALA A 236 -0.26 5.61 11.47
C ALA A 236 1.24 5.87 11.51
N GLY A 237 2.03 4.95 11.02
CA GLY A 237 3.50 5.02 11.09
C GLY A 237 4.10 4.19 12.20
N ASP A 238 3.28 3.55 13.03
CA ASP A 238 3.72 2.71 14.15
C ASP A 238 3.26 1.26 13.99
N ARG A 239 2.98 0.86 12.75
CA ARG A 239 2.51 -0.46 12.32
C ARG A 239 1.00 -0.46 12.19
N THR A 240 0.32 0.42 12.92
CA THR A 240 -1.12 0.35 12.94
C THR A 240 -1.74 1.25 11.88
N PHE A 241 -3.06 1.11 11.78
CA PHE A 241 -3.86 1.82 10.78
C PHE A 241 -4.97 2.58 11.46
N GLN A 242 -5.50 3.53 10.69
CA GLN A 242 -6.60 4.41 11.13
C GLN A 242 -7.65 4.47 10.03
N LYS A 243 -8.89 4.75 10.43
CA LYS A 243 -9.96 4.93 9.44
C LYS A 243 -11.09 5.66 10.15
N TRP A 244 -11.85 6.43 9.39
CA TRP A 244 -13.10 6.97 9.93
C TRP A 244 -14.18 6.98 8.86
N ALA A 245 -15.41 7.07 9.36
CA ALA A 245 -16.63 7.11 8.56
C ALA A 245 -17.48 8.22 9.12
N ALA A 246 -18.01 9.05 8.24
CA ALA A 246 -18.78 10.22 8.67
C ALA A 246 -20.12 10.27 7.95
N VAL A 247 -21.14 10.70 8.69
CA VAL A 247 -22.46 10.96 8.13
C VAL A 247 -22.95 12.32 8.60
N VAL A 248 -23.68 12.99 7.71
CA VAL A 248 -24.30 14.27 8.04
C VAL A 248 -25.72 13.97 8.47
N VAL A 249 -26.06 14.39 9.70
CA VAL A 249 -27.32 14.05 10.33
C VAL A 249 -28.14 15.28 10.67
N PRO A 250 -29.46 15.21 10.62
CA PRO A 250 -30.28 16.34 11.05
C PRO A 250 -30.11 16.58 12.52
N SER A 251 -29.98 17.85 12.91
CA SER A 251 -29.85 18.19 14.31
C SER A 251 -31.01 17.58 15.10
N GLY A 252 -30.70 16.92 16.20
CA GLY A 252 -31.70 16.26 17.01
C GLY A 252 -31.94 14.80 16.70
N GLU A 253 -31.36 14.27 15.62
CA GLU A 253 -31.58 12.90 15.23
C GLU A 253 -30.35 12.04 15.46
N GLU A 254 -29.40 12.52 16.24
CA GLU A 254 -28.15 11.80 16.42
C GLU A 254 -28.34 10.39 16.96
N GLN A 255 -29.32 10.17 17.85
CA GLN A 255 -29.45 8.84 18.43
C GLN A 255 -30.08 7.83 17.50
N ARG A 256 -30.49 8.25 16.33
CA ARG A 256 -30.95 7.26 15.37
C ARG A 256 -29.82 6.57 14.62
N TYR A 257 -28.57 7.02 14.83
CA TYR A 257 -27.43 6.56 14.04
C TYR A 257 -26.57 5.68 14.93
N THR A 258 -26.13 4.58 14.36
CA THR A 258 -25.19 3.71 15.06
C THR A 258 -24.02 3.39 14.14
N CYS A 259 -22.81 3.34 14.73
CA CYS A 259 -21.61 2.97 14.01
C CYS A 259 -21.28 1.53 14.35
N HIS A 260 -20.92 0.77 13.33
CA HIS A 260 -20.68 -0.66 13.48
C HIS A 260 -19.26 -0.96 13.06
N VAL A 261 -18.53 -1.70 13.90
CA VAL A 261 -17.11 -1.97 13.67
C VAL A 261 -16.87 -3.47 13.76
N GLN A 262 -16.24 -4.03 12.74
CA GLN A 262 -15.75 -5.41 12.83
C GLN A 262 -14.27 -5.46 12.47
N HIS A 263 -13.52 -6.25 13.24
CA HIS A 263 -12.09 -6.38 13.07
C HIS A 263 -11.62 -7.64 13.79
N GLU A 264 -10.52 -8.23 13.28
CA GLU A 264 -10.02 -9.49 13.82
CA GLU A 264 -10.02 -9.49 13.82
CA GLU A 264 -10.00 -9.48 13.82
C GLU A 264 -9.61 -9.39 15.30
N GLY A 265 -9.19 -8.23 15.75
CA GLY A 265 -8.71 -8.11 17.10
C GLY A 265 -9.78 -7.93 18.17
N LEU A 266 -10.99 -7.79 17.74
CA LEU A 266 -12.10 -7.57 18.66
C LEU A 266 -12.71 -8.90 19.00
N PRO A 267 -12.93 -9.16 20.29
CA PRO A 267 -13.64 -10.38 20.69
C PRO A 267 -15.06 -10.41 20.14
N LYS A 268 -15.75 -9.27 20.08
CA LYS A 268 -17.06 -9.18 19.42
C LYS A 268 -17.18 -7.86 18.69
N PRO A 269 -17.98 -7.83 17.63
CA PRO A 269 -18.22 -6.56 16.93
C PRO A 269 -18.81 -5.49 17.83
N LEU A 270 -18.56 -4.23 17.47
CA LEU A 270 -18.91 -3.12 18.31
C LEU A 270 -20.06 -2.38 17.63
N THR A 271 -20.92 -1.82 18.45
CA THR A 271 -21.93 -0.86 18.05
C THR A 271 -21.69 0.36 18.91
N LEU A 272 -21.55 1.51 18.29
CA LEU A 272 -21.31 2.72 19.05
C LEU A 272 -22.31 3.78 18.63
N ARG A 273 -22.56 4.68 19.54
CA ARG A 273 -23.37 5.86 19.27
C ARG A 273 -22.64 7.10 19.77
N TRP A 274 -23.08 8.25 19.30
CA TRP A 274 -22.66 9.51 19.91
C TRP A 274 -23.06 9.51 21.38
N GLU A 275 -22.08 9.74 22.26
CA GLU A 275 -22.32 9.81 23.70
C GLU A 275 -21.99 11.23 24.12
N PRO A 276 -22.96 12.16 24.09
CA PRO A 276 -22.72 13.56 24.43
C PRO A 276 -22.43 13.73 25.91
N THR B 1 12.43 -15.81 0.57
CA THR B 1 13.33 -15.36 -0.47
C THR B 1 12.52 -15.08 -1.69
N GLU B 2 13.02 -14.12 -2.47
CA GLU B 2 12.41 -13.73 -3.73
C GLU B 2 12.69 -14.75 -4.84
N VAL B 3 12.00 -14.55 -5.97
CA VAL B 3 12.20 -15.37 -7.14
C VAL B 3 12.87 -14.53 -8.23
N GLU B 4 13.67 -15.15 -9.09
CA GLU B 4 14.18 -14.44 -10.27
C GLU B 4 13.06 -14.36 -11.29
N THR B 5 12.70 -13.16 -11.70
N THR B 5 12.74 -13.11 -11.69
CA THR B 5 11.62 -13.09 -12.65
CA THR B 5 11.79 -12.68 -12.71
C THR B 5 12.11 -13.17 -14.09
C THR B 5 12.16 -13.24 -14.10
N TYR B 6 11.14 -13.36 -14.98
CA TYR B 6 11.36 -13.66 -16.37
C TYR B 6 11.05 -12.47 -17.24
N VAL B 7 11.84 -12.31 -18.29
N VAL B 7 11.86 -12.29 -18.29
CA VAL B 7 11.72 -11.14 -19.14
CA VAL B 7 11.75 -11.13 -19.18
C VAL B 7 10.41 -11.18 -19.91
C VAL B 7 10.42 -11.19 -19.91
N LEU B 8 9.76 -10.04 -20.02
CA LEU B 8 8.49 -9.93 -20.73
C LEU B 8 8.75 -9.96 -22.24
N MET C 1 -1.30 9.36 -22.25
CA MET C 1 -1.36 8.27 -21.28
C MET C 1 -2.38 8.53 -20.18
N ILE C 2 -3.07 7.46 -19.75
CA ILE C 2 -3.99 7.56 -18.62
C ILE C 2 -3.21 7.66 -17.32
N GLN C 3 -3.56 8.66 -16.50
CA GLN C 3 -2.88 8.95 -15.24
C GLN C 3 -3.93 9.06 -14.15
N ARG C 4 -3.48 8.97 -12.89
CA ARG C 4 -4.37 9.00 -11.74
C ARG C 4 -3.84 10.01 -10.73
N THR C 5 -4.72 10.88 -10.27
CA THR C 5 -4.31 11.96 -9.38
C THR C 5 -4.33 11.49 -7.92
N PRO C 6 -3.43 12.01 -7.09
CA PRO C 6 -3.35 11.51 -5.70
C PRO C 6 -4.51 11.92 -4.83
N LYS C 7 -4.93 11.00 -3.98
CA LYS C 7 -5.71 11.30 -2.78
C LYS C 7 -4.71 11.70 -1.71
N ILE C 8 -5.13 12.61 -0.82
CA ILE C 8 -4.27 13.17 0.21
C ILE C 8 -5.01 13.16 1.54
N GLN C 9 -4.35 12.64 2.59
CA GLN C 9 -4.86 12.74 3.97
C GLN C 9 -3.73 13.24 4.84
N VAL C 10 -4.02 14.20 5.71
N VAL C 10 -3.98 14.25 5.67
CA VAL C 10 -3.04 14.77 6.63
CA VAL C 10 -2.98 14.74 6.61
C VAL C 10 -3.58 14.58 8.03
C VAL C 10 -3.55 14.59 8.01
N TYR C 11 -2.76 14.01 8.91
CA TYR C 11 -3.28 13.57 10.20
C TYR C 11 -2.13 13.25 11.13
N SER C 12 -2.45 13.08 12.41
CA SER C 12 -1.42 12.74 13.37
C SER C 12 -1.37 11.25 13.69
N ARG C 13 -0.19 10.78 14.08
CA ARG C 13 -0.04 9.38 14.46
C ARG C 13 -0.83 9.05 15.73
N HIS C 14 -0.70 9.91 16.73
CA HIS C 14 -1.42 9.76 17.99
C HIS C 14 -2.43 10.88 18.15
N PRO C 15 -3.39 10.72 19.05
CA PRO C 15 -4.36 11.80 19.26
C PRO C 15 -3.65 13.09 19.62
N ALA C 16 -4.12 14.20 19.05
CA ALA C 16 -3.44 15.48 19.22
C ALA C 16 -3.70 16.04 20.60
N GLU C 17 -2.63 16.48 21.27
CA GLU C 17 -2.73 17.12 22.57
C GLU C 17 -1.83 18.33 22.46
N ASN C 18 -2.39 19.54 22.64
CA ASN C 18 -1.57 20.73 22.43
C ASN C 18 -0.35 20.68 23.33
N GLY C 19 0.81 20.95 22.74
CA GLY C 19 2.05 20.96 23.45
C GLY C 19 2.71 19.61 23.66
N LYS C 20 2.10 18.52 23.19
N LYS C 20 2.10 18.52 23.20
CA LYS C 20 2.67 17.18 23.33
CA LYS C 20 2.68 17.18 23.35
C LYS C 20 3.21 16.72 21.99
C LYS C 20 3.21 16.71 22.00
N SER C 21 4.46 16.28 21.98
CA SER C 21 5.11 15.87 20.74
C SER C 21 4.38 14.68 20.12
N ASN C 22 4.36 14.64 18.78
CA ASN C 22 3.52 13.73 18.01
C ASN C 22 4.23 13.52 16.67
N PHE C 23 3.57 12.85 15.74
CA PHE C 23 4.08 12.75 14.37
C PHE C 23 3.00 13.18 13.41
N LEU C 24 3.39 14.02 12.45
CA LEU C 24 2.50 14.53 11.42
C LEU C 24 2.72 13.71 10.17
N ASN C 25 1.62 13.16 9.65
CA ASN C 25 1.63 12.27 8.50
C ASN C 25 0.93 12.94 7.34
N CYS C 26 1.48 12.75 6.15
CA CYS C 26 0.78 13.09 4.91
C CYS C 26 0.82 11.82 4.09
N TYR C 27 -0.34 11.21 3.89
CA TYR C 27 -0.46 9.95 3.15
C TYR C 27 -1.03 10.27 1.79
N VAL C 28 -0.28 9.97 0.75
CA VAL C 28 -0.69 10.18 -0.63
C VAL C 28 -0.91 8.81 -1.26
N SER C 29 -2.04 8.63 -1.94
CA SER C 29 -2.33 7.31 -2.46
C SER C 29 -3.16 7.44 -3.71
N GLY C 30 -3.35 6.33 -4.39
CA GLY C 30 -4.22 6.36 -5.54
C GLY C 30 -3.65 6.95 -6.81
N PHE C 31 -2.35 7.27 -6.86
CA PHE C 31 -1.80 8.04 -7.98
C PHE C 31 -0.98 7.16 -8.92
N HIS C 32 -0.86 7.65 -10.16
CA HIS C 32 -0.01 7.01 -11.16
C HIS C 32 0.25 8.07 -12.22
N PRO C 33 1.47 8.28 -12.65
CA PRO C 33 2.68 7.54 -12.33
C PRO C 33 3.20 7.83 -10.94
N SER C 34 4.34 7.22 -10.62
CA SER C 34 4.85 7.18 -9.25
C SER C 34 5.58 8.45 -8.84
N ASP C 35 6.11 9.25 -9.75
CA ASP C 35 6.78 10.48 -9.34
C ASP C 35 5.80 11.44 -8.69
N ILE C 36 6.20 11.97 -7.53
CA ILE C 36 5.33 12.86 -6.76
C ILE C 36 6.24 13.64 -5.82
N GLU C 37 5.85 14.88 -5.57
CA GLU C 37 6.56 15.78 -4.67
CA GLU C 37 6.58 15.73 -4.64
C GLU C 37 5.65 16.10 -3.50
N VAL C 38 6.11 15.87 -2.28
CA VAL C 38 5.31 16.10 -1.08
C VAL C 38 6.15 16.91 -0.10
N ASP C 39 5.59 18.01 0.38
CA ASP C 39 6.19 18.81 1.44
C ASP C 39 5.25 18.86 2.64
N LEU C 40 5.83 18.86 3.82
CA LEU C 40 5.06 19.13 5.01
C LEU C 40 5.35 20.56 5.38
N LEU C 41 4.31 21.31 5.76
CA LEU C 41 4.46 22.73 6.04
C LEU C 41 4.10 23.05 7.49
N LYS C 42 4.86 23.96 8.10
CA LYS C 42 4.56 24.51 9.41
C LYS C 42 4.47 26.02 9.22
N ASN C 43 3.29 26.57 9.49
CA ASN C 43 2.98 27.98 9.23
C ASN C 43 3.42 28.41 7.83
N GLY C 44 3.10 27.55 6.87
CA GLY C 44 3.35 27.85 5.47
C GLY C 44 4.75 27.59 4.99
N GLU C 45 5.69 27.21 5.85
CA GLU C 45 7.08 26.98 5.48
C GLU C 45 7.44 25.50 5.51
N ARG C 46 8.32 25.10 4.61
CA ARG C 46 8.64 23.69 4.43
C ARG C 46 9.40 23.17 5.63
N ILE C 47 8.95 22.04 6.18
CA ILE C 47 9.69 21.37 7.23
C ILE C 47 10.80 20.56 6.58
N GLU C 48 11.99 20.63 7.16
CA GLU C 48 13.16 19.99 6.59
C GLU C 48 13.26 18.56 7.10
N LYS C 49 13.91 17.72 6.29
CA LYS C 49 14.29 16.37 6.72
C LYS C 49 13.08 15.46 6.99
N VAL C 50 11.98 15.72 6.29
CA VAL C 50 10.81 14.84 6.34
C VAL C 50 11.19 13.50 5.71
N GLU C 51 10.78 12.41 6.34
CA GLU C 51 11.04 11.08 5.85
C GLU C 51 9.81 10.52 5.14
N HIS C 52 10.05 9.49 4.34
CA HIS C 52 8.95 8.85 3.68
C HIS C 52 9.17 7.36 3.59
N SER C 53 8.08 6.68 3.32
CA SER C 53 8.06 5.22 3.21
C SER C 53 8.61 4.81 1.85
N ASP C 54 8.90 3.51 1.72
CA ASP C 54 9.38 2.98 0.46
C ASP C 54 8.20 2.80 -0.51
N LEU C 55 8.42 3.18 -1.77
CA LEU C 55 7.35 3.12 -2.76
C LEU C 55 6.73 1.73 -2.88
N SER C 56 5.41 1.68 -2.80
CA SER C 56 4.68 0.44 -3.04
C SER C 56 3.35 0.83 -3.67
N PHE C 57 2.52 -0.19 -3.93
CA PHE C 57 1.29 0.06 -4.64
C PHE C 57 0.21 -0.91 -4.17
N SER C 58 -1.02 -0.51 -4.50
CA SER C 58 -2.25 -1.19 -4.10
C SER C 58 -2.66 -2.22 -5.16
N LYS C 59 -3.74 -2.95 -4.89
CA LYS C 59 -4.18 -3.98 -5.82
C LYS C 59 -4.55 -3.41 -7.17
N ASP C 60 -5.00 -2.15 -7.23
CA ASP C 60 -5.32 -1.53 -8.50
C ASP C 60 -4.12 -0.89 -9.19
N TRP C 61 -2.91 -1.18 -8.68
CA TRP C 61 -1.65 -0.74 -9.25
C TRP C 61 -1.33 0.72 -8.92
N SER C 62 -2.21 1.43 -8.21
CA SER C 62 -1.92 2.82 -7.86
C SER C 62 -0.94 2.88 -6.70
N PHE C 63 -0.11 3.90 -6.74
CA PHE C 63 0.96 4.00 -5.76
C PHE C 63 0.49 4.67 -4.47
N TYR C 64 1.27 4.42 -3.41
CA TYR C 64 1.06 5.11 -2.14
C TYR C 64 2.38 5.36 -1.46
N LEU C 65 2.43 6.49 -0.73
CA LEU C 65 3.58 6.87 0.08
C LEU C 65 3.07 7.58 1.33
N LEU C 66 3.82 7.40 2.41
CA LEU C 66 3.59 8.11 3.67
C LEU C 66 4.80 9.01 3.93
N TYR C 67 4.53 10.30 4.07
CA TYR C 67 5.54 11.28 4.47
C TYR C 67 5.28 11.65 5.92
N TYR C 68 6.33 11.75 6.73
CA TYR C 68 6.08 11.96 8.15
C TYR C 68 7.23 12.71 8.81
N THR C 69 6.89 13.39 9.92
CA THR C 69 7.90 14.09 10.69
C THR C 69 7.35 14.32 12.10
N GLU C 70 8.25 14.56 13.05
CA GLU C 70 7.85 15.01 14.37
C GLU C 70 7.18 16.38 14.31
N PHE C 71 6.18 16.58 15.17
CA PHE C 71 5.59 17.90 15.32
C PHE C 71 4.93 17.97 16.68
N THR C 72 4.66 19.20 17.11
CA THR C 72 3.96 19.47 18.37
C THR C 72 2.74 20.33 18.05
N PRO C 73 1.52 19.80 18.14
CA PRO C 73 0.35 20.65 17.87
C PRO C 73 0.27 21.76 18.90
N THR C 74 -0.22 22.91 18.46
CA THR C 74 -0.53 24.03 19.35
C THR C 74 -1.72 24.76 18.76
N GLU C 75 -2.35 25.61 19.58
CA GLU C 75 -3.39 26.47 19.02
C GLU C 75 -2.84 27.45 17.99
N LYS C 76 -1.60 27.91 18.19
CA LYS C 76 -1.09 28.97 17.31
C LYS C 76 -0.54 28.45 15.98
N ASP C 77 -0.01 27.23 15.94
CA ASP C 77 0.70 26.77 14.76
C ASP C 77 -0.25 26.04 13.82
N GLU C 78 -0.05 26.26 12.52
CA GLU C 78 -0.82 25.57 11.49
C GLU C 78 0.10 24.62 10.72
N TYR C 79 -0.39 23.44 10.41
CA TYR C 79 0.37 22.49 9.62
C TYR C 79 -0.41 22.11 8.38
N ALA C 80 0.33 21.67 7.36
CA ALA C 80 -0.32 21.31 6.11
C ALA C 80 0.59 20.39 5.32
N CYS C 81 0.02 19.81 4.27
CA CYS C 81 0.78 19.02 3.32
C CYS C 81 0.59 19.64 1.94
N ARG C 82 1.66 19.75 1.16
CA ARG C 82 1.62 20.31 -0.18
C ARG C 82 2.11 19.25 -1.18
N VAL C 83 1.27 18.93 -2.16
CA VAL C 83 1.54 17.83 -3.07
C VAL C 83 1.58 18.34 -4.49
N ASN C 84 2.57 17.90 -5.27
CA ASN C 84 2.49 18.14 -6.70
CA ASN C 84 2.65 18.17 -6.70
C ASN C 84 2.69 16.84 -7.43
N HIS C 85 2.06 16.76 -8.58
CA HIS C 85 2.03 15.53 -9.38
C HIS C 85 1.75 15.99 -10.80
N VAL C 86 2.14 15.15 -11.76
CA VAL C 86 1.90 15.49 -13.17
C VAL C 86 0.43 15.78 -13.47
N THR C 87 -0.51 15.13 -12.76
CA THR C 87 -1.94 15.37 -12.96
C THR C 87 -2.43 16.71 -12.42
N LEU C 88 -1.62 17.47 -11.72
CA LEU C 88 -2.07 18.70 -11.07
C LEU C 88 -1.44 19.89 -11.77
N SER C 89 -2.23 20.92 -12.04
CA SER C 89 -1.65 22.11 -12.66
C SER C 89 -0.92 22.97 -11.64
N GLN C 90 -1.34 22.93 -10.39
CA GLN C 90 -0.75 23.71 -9.31
C GLN C 90 -0.61 22.78 -8.12
N PRO C 91 0.29 23.07 -7.18
CA PRO C 91 0.39 22.23 -5.99
C PRO C 91 -0.93 22.25 -5.25
N LYS C 92 -1.28 21.12 -4.65
CA LYS C 92 -2.49 21.01 -3.85
C LYS C 92 -2.09 21.03 -2.38
N ILE C 93 -2.74 21.89 -1.60
CA ILE C 93 -2.42 22.03 -0.18
C ILE C 93 -3.61 21.52 0.62
N VAL C 94 -3.34 20.58 1.53
CA VAL C 94 -4.35 20.09 2.47
C VAL C 94 -3.89 20.46 3.86
N LYS C 95 -4.73 21.22 4.57
CA LYS C 95 -4.45 21.62 5.95
C LYS C 95 -4.69 20.51 6.94
N TRP C 96 -3.84 20.45 7.95
CA TRP C 96 -4.10 19.54 9.05
C TRP C 96 -5.25 20.07 9.89
N ASP C 97 -6.21 19.22 10.12
CA ASP C 97 -7.40 19.52 10.92
C ASP C 97 -7.50 18.36 11.89
N ARG C 98 -7.38 18.63 13.17
CA ARG C 98 -7.34 17.54 14.13
C ARG C 98 -8.65 16.77 14.20
N ASP C 99 -9.72 17.31 13.64
CA ASP C 99 -10.98 16.57 13.63
C ASP C 99 -11.09 15.59 12.48
N MET C 100 -10.04 15.43 11.67
CA MET C 100 -10.05 14.46 10.57
C MET C 100 -8.75 13.66 10.52
C1 EDO D . 18.46 -10.40 -17.13
O1 EDO D . 19.05 -10.31 -15.85
C2 EDO D . 19.21 -9.48 -18.08
O2 EDO D . 18.31 -8.87 -18.99
MG MG E . 2.54 -0.18 -14.50
MG MG F . 8.75 0.86 -21.71
MG MG G . 15.45 5.04 -18.20
MG MG H . 2.18 19.42 -11.64
#